data_2JK5
#
_entry.id   2JK5
#
_cell.length_a   156.145
_cell.length_b   156.145
_cell.length_c   76.326
_cell.angle_alpha   90.00
_cell.angle_beta   90.00
_cell.angle_gamma   90.00
#
_symmetry.space_group_name_H-M   'I 4'
#
loop_
_entity.id
_entity.type
_entity.pdbx_description
1 polymer 'ANTIBODY FAB FRAGMENT LIGHT CHAIN'
2 polymer 'ANTIBODY FAB FRAGMENT HEAVY CHAIN'
3 polymer 'VOLTAGE-GATED POTASSIUM CHANNEL'
4 non-polymer 'COBALT (II) ION'
5 non-polymer 'POTASSIUM ION'
6 non-polymer NONAN-1-OL
7 non-polymer '(2S)-3-HYDROXY-2-(NONANOYLOXY)PROPYL LAURATE'
8 non-polymer 'TETRABUTYLAMMONIUM ION'
9 non-polymer HEPTANE
10 water water
#
loop_
_entity_poly.entity_id
_entity_poly.type
_entity_poly.pdbx_seq_one_letter_code
_entity_poly.pdbx_strand_id
1 'polypeptide(L)'
;QVQLQQPGAELVKPGASVKLSCKASGYTFTSDWIHWVKQRPGHGLEWIGEIIPSYGRANYNEKIQKKATLTADKSSSTAF
MQLSSLTSEDSAVYYCARERGDGYFAVWGAGTTVTVSSAKTTPPSVYPLAPGSAAQTNSMVTLGCLVKGYFPEPVTVTWN
SGSLSSGVHTFPAVLQSDLYTLSSSVTVPSSSWPSETVTCNVAHPASSTKVDKKIVPRD
;
A
2 'polypeptide(L)'
;DILLTQSPAILSVSPGERVSFSCRASQSIGTDIHWYQQRTNGSPRLLIKYASESISGIPSRFSGSGSGTDFTLSINSVES
EDIANYYCQQSNRWPFTFGSGTKLEIKRADAAPTVSIFPPSSEQLTSGGASVVCFLNNFYPKDINVKWKIDGSERQNGVL
NSWTDQDSKDSTYSMSSTLTLTKDEYERHNSYTCEATHKTSTSPIVKSFNRN
;
B
3 'polypeptide(L)'
;MPPMLSGLLARLVKLLLGRHGSALHWRAAGAATVLLVIVLLAGSYLAVLAERGAPGAQLITYPRALWWSVETATTVGYGD
LYPVTLWGRCVAVVVMVAGITSFGLVTAALATWFVGREQERRGH
;
C
#
# COMPACT_ATOMS: atom_id res chain seq x y z
N GLN A 1 -2.44 -16.00 6.76
CA GLN A 1 -3.59 -15.15 7.19
C GLN A 1 -3.20 -13.66 7.35
N VAL A 2 -4.09 -12.77 6.86
CA VAL A 2 -3.95 -11.31 7.02
C VAL A 2 -3.29 -10.94 8.36
N GLN A 3 -2.04 -10.48 8.29
N GLN A 3 -2.05 -10.48 8.29
CA GLN A 3 -1.28 -10.17 9.49
CA GLN A 3 -1.29 -10.18 9.51
C GLN A 3 -1.76 -8.91 10.22
C GLN A 3 -1.75 -8.91 10.23
N LEU A 4 -2.28 -7.94 9.47
CA LEU A 4 -2.68 -6.63 10.03
C LEU A 4 -4.05 -6.19 9.48
N GLN A 5 -5.03 -6.05 10.38
N GLN A 5 -5.05 -6.07 10.35
CA GLN A 5 -6.41 -5.77 9.97
CA GLN A 5 -6.41 -5.77 9.91
C GLN A 5 -6.83 -4.35 10.28
C GLN A 5 -6.85 -4.37 10.27
N GLN A 6 -7.14 -3.58 9.25
CA GLN A 6 -7.65 -2.24 9.42
C GLN A 6 -9.06 -2.15 8.85
N PRO A 7 -9.93 -1.31 9.44
CA PRO A 7 -11.23 -0.97 8.82
C PRO A 7 -11.01 -0.31 7.46
N GLY A 8 -11.94 -0.52 6.52
CA GLY A 8 -11.87 0.08 5.19
C GLY A 8 -12.05 1.58 5.14
N ALA A 9 -12.85 2.14 6.05
CA ALA A 9 -13.23 3.55 5.93
C ALA A 9 -13.62 4.23 7.23
N GLU A 10 -13.35 5.54 7.29
CA GLU A 10 -13.84 6.41 8.34
C GLU A 10 -14.24 7.73 7.73
N LEU A 11 -15.42 8.20 8.11
CA LEU A 11 -15.89 9.52 7.71
C LEU A 11 -15.83 10.43 8.93
N VAL A 12 -15.28 11.63 8.76
CA VAL A 12 -14.98 12.54 9.85
C VAL A 12 -15.31 13.99 9.44
N LYS A 13 -15.92 14.75 10.34
CA LYS A 13 -16.32 16.13 10.07
C LYS A 13 -15.16 17.10 10.33
N PRO A 14 -15.04 18.15 9.50
CA PRO A 14 -13.98 19.12 9.77
C PRO A 14 -13.93 19.44 11.26
N GLY A 15 -12.72 19.38 11.84
CA GLY A 15 -12.53 19.76 13.24
C GLY A 15 -12.72 18.64 14.24
N ALA A 16 -13.33 17.54 13.81
CA ALA A 16 -13.51 16.36 14.65
C ALA A 16 -12.31 15.40 14.63
N SER A 17 -12.33 14.40 15.50
N SER A 17 -12.34 14.38 15.48
CA SER A 17 -11.24 13.45 15.60
CA SER A 17 -11.22 13.46 15.67
C SER A 17 -11.68 12.04 15.21
C SER A 17 -11.60 11.97 15.58
N VAL A 18 -10.71 11.17 14.99
CA VAL A 18 -10.98 9.75 14.74
C VAL A 18 -9.85 8.89 15.28
N LYS A 19 -10.15 7.66 15.62
CA LYS A 19 -9.15 6.76 16.14
C LYS A 19 -9.12 5.52 15.27
N LEU A 20 -8.03 5.34 14.53
CA LEU A 20 -7.91 4.20 13.62
C LEU A 20 -7.27 3.03 14.33
N SER A 21 -7.70 1.82 13.99
CA SER A 21 -7.14 0.61 14.58
C SER A 21 -6.39 -0.23 13.56
N CYS A 22 -5.59 -1.16 14.07
CA CYS A 22 -4.73 -1.98 13.27
C CYS A 22 -4.45 -3.20 14.14
N LYS A 23 -5.23 -4.26 13.96
CA LYS A 23 -5.11 -5.50 14.74
C LYS A 23 -4.06 -6.42 14.14
N ALA A 24 -2.98 -6.62 14.89
CA ALA A 24 -1.87 -7.49 14.48
C ALA A 24 -2.16 -8.94 14.84
N SER A 25 -1.69 -9.85 13.99
CA SER A 25 -1.74 -11.28 14.23
C SER A 25 -0.47 -11.92 13.68
N GLY A 26 -0.30 -13.22 13.85
CA GLY A 26 0.95 -13.89 13.48
C GLY A 26 1.99 -13.78 14.59
N TYR A 27 3.24 -14.09 14.24
CA TYR A 27 4.39 -13.96 15.16
C TYR A 27 4.55 -12.53 15.66
N THR A 28 4.61 -12.37 16.99
CA THR A 28 4.75 -11.07 17.63
C THR A 28 5.92 -11.07 18.64
N PHE A 29 6.85 -10.14 18.48
CA PHE A 29 8.04 -10.03 19.33
C PHE A 29 8.11 -8.66 20.07
N THR A 30 8.89 -8.59 21.16
CA THR A 30 9.17 -7.31 21.85
C THR A 30 9.88 -6.32 20.95
N SER A 31 10.65 -6.86 20.00
CA SER A 31 11.36 -6.02 19.06
C SER A 31 10.48 -5.38 17.95
N ASP A 32 9.19 -5.71 17.89
CA ASP A 32 8.32 -5.26 16.78
C ASP A 32 7.92 -3.80 16.89
N TRP A 33 7.99 -3.09 15.78
CA TRP A 33 7.44 -1.73 15.69
C TRP A 33 6.26 -1.71 14.70
N ILE A 34 5.23 -0.93 15.04
CA ILE A 34 4.11 -0.69 14.13
C ILE A 34 4.19 0.74 13.60
N HIS A 35 4.26 0.87 12.27
CA HIS A 35 4.35 2.20 11.63
C HIS A 35 3.02 2.58 11.01
N TRP A 36 2.83 3.88 10.81
CA TRP A 36 1.66 4.42 10.16
C TRP A 36 2.15 5.28 9.01
N VAL A 37 1.51 5.12 7.84
CA VAL A 37 1.95 5.73 6.60
C VAL A 37 0.75 6.36 5.90
N LYS A 38 0.88 7.63 5.53
CA LYS A 38 -0.20 8.38 4.88
C LYS A 38 0.00 8.48 3.37
N GLN A 39 -1.06 8.13 2.61
CA GLN A 39 -1.09 8.27 1.14
C GLN A 39 -2.34 9.03 0.67
N ARG A 40 -2.11 10.24 0.13
N ARG A 40 -2.11 10.22 0.11
CA ARG A 40 -3.17 11.01 -0.51
CA ARG A 40 -3.14 11.01 -0.52
C ARG A 40 -3.38 10.45 -1.91
C ARG A 40 -3.35 10.53 -1.95
N PRO A 41 -4.61 10.59 -2.46
CA PRO A 41 -4.96 10.10 -3.81
C PRO A 41 -3.97 10.58 -4.85
N GLY A 42 -3.44 9.64 -5.63
CA GLY A 42 -2.46 9.95 -6.65
C GLY A 42 -1.05 10.29 -6.16
N HIS A 43 -0.90 10.71 -4.89
CA HIS A 43 0.47 10.97 -4.37
C HIS A 43 1.18 9.77 -3.74
N GLY A 44 2.37 10.01 -3.18
CA GLY A 44 3.19 8.93 -2.64
C GLY A 44 3.01 8.61 -1.17
N LEU A 45 3.95 7.84 -0.65
CA LEU A 45 3.94 7.36 0.74
C LEU A 45 4.64 8.34 1.65
N GLU A 46 3.96 8.73 2.72
CA GLU A 46 4.51 9.65 3.69
C GLU A 46 4.48 9.04 5.11
N TRP A 47 5.62 9.07 5.79
CA TRP A 47 5.76 8.35 7.05
C TRP A 47 5.20 9.22 8.18
N ILE A 48 4.30 8.68 9.00
CA ILE A 48 3.70 9.51 10.06
C ILE A 48 4.36 9.32 11.42
N GLY A 49 4.54 8.06 11.82
CA GLY A 49 5.10 7.70 13.11
C GLY A 49 5.22 6.21 13.32
N GLU A 50 5.72 5.83 14.48
CA GLU A 50 5.96 4.43 14.86
C GLU A 50 5.68 4.26 16.36
N ILE A 51 5.40 3.03 16.76
CA ILE A 51 5.24 2.70 18.18
C ILE A 51 5.83 1.33 18.41
N ILE A 52 6.48 1.16 19.56
CA ILE A 52 6.93 -0.16 19.95
C ILE A 52 5.94 -0.69 21.01
N PRO A 53 4.99 -1.55 20.60
CA PRO A 53 3.88 -1.92 21.50
C PRO A 53 4.38 -2.56 22.82
N SER A 54 5.43 -3.37 22.74
CA SER A 54 6.04 -3.99 23.93
C SER A 54 6.56 -2.99 24.97
N TYR A 55 6.64 -1.72 24.59
CA TYR A 55 7.14 -0.70 25.50
C TYR A 55 6.23 0.56 25.52
N GLY A 56 5.53 0.81 24.42
CA GLY A 56 4.60 1.95 24.33
C GLY A 56 5.24 3.28 23.97
N ARG A 57 6.55 3.28 23.71
CA ARG A 57 7.25 4.46 23.21
C ARG A 57 6.85 4.72 21.75
N ALA A 58 6.48 5.96 21.44
CA ALA A 58 6.13 6.37 20.09
C ALA A 58 6.95 7.60 19.64
N ASN A 59 7.32 7.58 18.35
CA ASN A 59 8.05 8.67 17.69
C ASN A 59 7.30 9.15 16.45
N TYR A 60 7.51 10.42 16.09
CA TYR A 60 6.71 11.09 15.09
C TYR A 60 7.54 11.83 14.07
N ASN A 61 7.02 11.90 12.84
CA ASN A 61 7.59 12.73 11.78
C ASN A 61 7.57 14.20 12.19
N GLU A 62 8.75 14.81 12.29
CA GLU A 62 8.89 16.20 12.70
C GLU A 62 8.65 17.20 11.56
N LYS A 63 8.80 16.76 10.31
CA LYS A 63 8.64 17.64 9.14
C LYS A 63 7.20 18.11 8.93
N ILE A 64 6.24 17.36 9.47
CA ILE A 64 4.82 17.59 9.22
C ILE A 64 4.12 17.98 10.51
N GLN A 65 3.00 18.70 10.40
CA GLN A 65 2.22 19.15 11.57
C GLN A 65 1.68 17.92 12.29
N LYS A 66 1.75 17.92 13.62
CA LYS A 66 1.39 16.72 14.38
C LYS A 66 -0.11 16.54 14.62
N LYS A 67 -0.75 15.71 13.78
CA LYS A 67 -2.15 15.37 13.95
C LYS A 67 -2.36 14.05 14.71
N ALA A 68 -1.32 13.19 14.72
CA ALA A 68 -1.43 11.83 15.27
C ALA A 68 -1.03 11.66 16.74
N THR A 69 -1.62 10.65 17.39
CA THR A 69 -1.17 10.18 18.70
C THR A 69 -1.27 8.66 18.69
N LEU A 70 -0.13 7.97 18.85
CA LEU A 70 -0.09 6.52 18.73
C LEU A 70 -0.11 5.82 20.06
N THR A 71 -0.95 4.80 20.15
CA THR A 71 -1.09 3.98 21.35
C THR A 71 -1.17 2.53 20.90
N ALA A 72 -1.05 1.61 21.84
CA ALA A 72 -1.15 0.20 21.53
C ALA A 72 -1.70 -0.51 22.75
N ASP A 73 -2.41 -1.61 22.49
CA ASP A 73 -3.02 -2.44 23.52
C ASP A 73 -2.40 -3.82 23.44
N LYS A 74 -1.56 -4.15 24.43
CA LYS A 74 -0.80 -5.40 24.41
C LYS A 74 -1.67 -6.67 24.39
N SER A 75 -2.78 -6.66 25.13
CA SER A 75 -3.65 -7.85 25.22
C SER A 75 -4.48 -8.11 23.95
N SER A 76 -5.12 -7.07 23.42
CA SER A 76 -5.88 -7.20 22.17
C SER A 76 -4.99 -7.11 20.91
N SER A 77 -3.68 -6.92 21.11
CA SER A 77 -2.71 -6.79 20.01
C SER A 77 -3.08 -5.72 18.97
N THR A 78 -3.61 -4.60 19.43
CA THR A 78 -4.06 -3.55 18.54
C THR A 78 -3.27 -2.25 18.70
N ALA A 79 -2.78 -1.74 17.58
CA ALA A 79 -2.19 -0.42 17.53
C ALA A 79 -3.26 0.56 17.08
N PHE A 80 -3.24 1.73 17.71
CA PHE A 80 -4.19 2.80 17.43
C PHE A 80 -3.45 4.07 17.00
N MET A 81 -4.06 4.83 16.10
CA MET A 81 -3.60 6.17 15.78
C MET A 81 -4.76 7.13 15.97
N GLN A 82 -4.61 8.07 16.88
CA GLN A 82 -5.64 9.07 17.11
C GLN A 82 -5.33 10.27 16.23
N LEU A 83 -6.18 10.51 15.23
CA LEU A 83 -6.06 11.70 14.40
C LEU A 83 -7.03 12.74 14.94
N SER A 84 -6.51 13.90 15.29
N SER A 84 -6.52 13.92 15.27
CA SER A 84 -7.33 14.95 15.92
CA SER A 84 -7.34 14.94 15.91
C SER A 84 -7.46 16.19 15.04
C SER A 84 -7.41 16.25 15.15
N SER A 85 -8.59 16.87 15.18
CA SER A 85 -8.87 18.15 14.47
C SER A 85 -8.55 18.24 12.97
N LEU A 86 -9.21 17.37 12.21
CA LEU A 86 -8.88 17.15 10.80
C LEU A 86 -9.43 18.21 9.85
N THR A 87 -8.77 18.36 8.71
CA THR A 87 -9.28 19.15 7.60
C THR A 87 -9.22 18.24 6.37
N SER A 88 -9.58 18.78 5.21
CA SER A 88 -9.58 18.00 3.97
C SER A 88 -8.17 17.60 3.56
N GLU A 89 -7.18 18.33 4.09
CA GLU A 89 -5.77 17.96 3.95
C GLU A 89 -5.49 16.57 4.55
N ASP A 90 -6.28 16.18 5.54
CA ASP A 90 -6.11 14.91 6.23
C ASP A 90 -6.88 13.74 5.61
N SER A 91 -7.70 14.02 4.59
CA SER A 91 -8.38 12.96 3.84
C SER A 91 -7.34 12.18 3.04
N ALA A 92 -7.26 10.87 3.28
CA ALA A 92 -6.21 10.00 2.71
C ALA A 92 -6.45 8.54 3.10
N VAL A 93 -5.72 7.64 2.46
CA VAL A 93 -5.53 6.28 2.94
C VAL A 93 -4.39 6.31 3.98
N TYR A 94 -4.66 5.73 5.15
CA TYR A 94 -3.68 5.56 6.19
C TYR A 94 -3.39 4.09 6.35
N TYR A 95 -2.18 3.67 5.99
CA TYR A 95 -1.73 2.28 6.17
C TYR A 95 -1.06 2.07 7.52
N CYS A 96 -1.22 0.90 8.09
CA CYS A 96 -0.27 0.50 9.12
C CYS A 96 0.68 -0.55 8.52
N ALA A 97 1.85 -0.66 9.11
CA ALA A 97 2.80 -1.67 8.67
C ALA A 97 3.56 -2.20 9.88
N ARG A 98 4.12 -3.40 9.76
CA ARG A 98 4.92 -3.93 10.84
C ARG A 98 6.38 -4.07 10.43
N GLU A 99 7.26 -3.62 11.31
CA GLU A 99 8.71 -3.71 11.10
C GLU A 99 9.28 -4.53 12.25
N ARG A 100 10.14 -5.49 11.92
CA ARG A 100 10.74 -6.35 12.94
C ARG A 100 12.01 -5.72 13.54
N GLY A 101 12.09 -4.40 13.59
CA GLY A 101 13.26 -3.72 14.16
C GLY A 101 14.49 -3.82 13.29
N ASP A 102 14.31 -4.22 12.05
CA ASP A 102 15.43 -4.37 11.14
C ASP A 102 15.27 -3.53 9.88
N GLY A 103 14.41 -2.52 9.95
CA GLY A 103 14.38 -1.43 8.97
C GLY A 103 13.34 -1.42 7.84
N TYR A 104 12.76 -2.57 7.52
CA TYR A 104 11.82 -2.68 6.38
C TYR A 104 10.45 -3.15 6.81
N PHE A 105 9.44 -2.75 6.03
CA PHE A 105 8.07 -3.11 6.36
C PHE A 105 7.71 -4.40 5.67
N ALA A 106 7.88 -5.47 6.42
CA ALA A 106 7.67 -6.82 5.90
C ALA A 106 6.22 -6.97 5.46
N VAL A 107 5.31 -6.34 6.17
CA VAL A 107 3.91 -6.49 5.87
C VAL A 107 3.10 -5.23 6.15
N TRP A 108 2.04 -5.03 5.37
CA TRP A 108 1.19 -3.85 5.44
C TRP A 108 -0.25 -4.20 5.65
N GLY A 109 -0.96 -3.36 6.41
CA GLY A 109 -2.43 -3.32 6.40
C GLY A 109 -2.96 -2.98 5.00
N ALA A 110 -4.26 -3.17 4.82
CA ALA A 110 -4.91 -2.91 3.53
C ALA A 110 -5.23 -1.42 3.43
N GLY A 111 -5.27 -0.77 4.59
CA GLY A 111 -5.44 0.65 4.68
C GLY A 111 -6.85 1.07 5.01
N THR A 112 -6.97 2.21 5.67
CA THR A 112 -8.24 2.83 6.02
C THR A 112 -8.43 4.13 5.24
N THR A 113 -9.49 4.21 4.43
CA THR A 113 -9.77 5.42 3.67
C THR A 113 -10.48 6.39 4.59
N VAL A 114 -9.84 7.53 4.82
CA VAL A 114 -10.39 8.54 5.69
C VAL A 114 -10.83 9.71 4.84
N THR A 115 -12.10 10.06 4.98
CA THR A 115 -12.72 11.17 4.28
C THR A 115 -13.19 12.18 5.31
N VAL A 116 -12.68 13.40 5.17
CA VAL A 116 -13.09 14.50 6.01
C VAL A 116 -14.10 15.37 5.25
N SER A 117 -15.36 15.26 5.66
CA SER A 117 -16.48 15.93 4.98
C SER A 117 -17.62 16.20 5.94
N SER A 118 -18.34 17.28 5.66
N SER A 118 -18.36 17.27 5.69
CA SER A 118 -19.58 17.61 6.38
CA SER A 118 -19.58 17.54 6.46
C SER A 118 -20.69 16.64 5.97
C SER A 118 -20.78 16.73 5.95
N ALA A 119 -20.69 16.27 4.69
CA ALA A 119 -21.72 15.43 4.07
C ALA A 119 -21.89 14.04 4.69
N LYS A 120 -23.09 13.49 4.53
CA LYS A 120 -23.52 12.27 5.22
C LYS A 120 -23.35 10.98 4.41
N THR A 121 -23.14 9.89 5.16
CA THR A 121 -23.03 8.54 4.64
C THR A 121 -24.27 8.09 3.89
N THR A 122 -24.05 7.37 2.79
CA THR A 122 -25.12 6.91 1.91
C THR A 122 -24.65 5.65 1.22
N PRO A 123 -25.43 4.58 1.32
CA PRO A 123 -25.05 3.35 0.65
C PRO A 123 -25.36 3.49 -0.84
N PRO A 124 -24.74 2.65 -1.68
CA PRO A 124 -24.94 2.73 -3.13
C PRO A 124 -26.20 2.02 -3.62
N SER A 125 -26.74 2.47 -4.75
CA SER A 125 -27.72 1.67 -5.48
C SER A 125 -26.98 0.88 -6.54
N VAL A 126 -27.27 -0.42 -6.63
CA VAL A 126 -26.61 -1.28 -7.61
C VAL A 126 -27.60 -1.71 -8.70
N TYR A 127 -27.29 -1.36 -9.94
CA TYR A 127 -28.14 -1.66 -11.08
C TYR A 127 -27.45 -2.59 -12.08
N PRO A 128 -28.21 -3.50 -12.71
CA PRO A 128 -27.64 -4.43 -13.70
C PRO A 128 -27.30 -3.76 -15.02
N LEU A 129 -26.36 -4.34 -15.75
CA LEU A 129 -26.00 -3.87 -17.08
C LEU A 129 -25.89 -5.05 -18.01
N ALA A 130 -27.02 -5.41 -18.61
CA ALA A 130 -27.10 -6.49 -19.59
C ALA A 130 -27.44 -5.91 -20.98
N PRO A 131 -26.98 -6.57 -22.06
CA PRO A 131 -27.20 -6.01 -23.41
C PRO A 131 -28.68 -5.89 -23.73
N GLY A 132 -29.03 -4.87 -24.53
CA GLY A 132 -30.36 -4.77 -25.14
C GLY A 132 -30.52 -5.77 -26.27
N SER A 133 -31.75 -5.92 -26.77
CA SER A 133 -32.13 -7.02 -27.66
C SER A 133 -31.50 -7.06 -29.04
N ALA A 134 -31.01 -5.92 -29.53
CA ALA A 134 -30.34 -5.85 -30.84
C ALA A 134 -28.83 -6.07 -30.72
N ALA A 135 -28.30 -6.05 -29.50
CA ALA A 135 -26.87 -6.25 -29.30
C ALA A 135 -26.43 -7.61 -29.85
N GLN A 136 -25.76 -7.56 -31.00
CA GLN A 136 -25.18 -8.75 -31.62
C GLN A 136 -24.00 -9.23 -30.77
N THR A 137 -23.83 -10.53 -30.65
CA THR A 137 -22.79 -11.08 -29.76
C THR A 137 -21.61 -11.67 -30.54
N ASN A 138 -20.47 -11.73 -29.85
CA ASN A 138 -19.24 -12.33 -30.35
C ASN A 138 -19.04 -13.70 -29.72
N SER A 139 -17.78 -14.10 -29.51
CA SER A 139 -17.47 -15.23 -28.64
C SER A 139 -17.51 -14.82 -27.16
N MET A 140 -17.40 -13.52 -26.89
CA MET A 140 -17.48 -12.99 -25.53
C MET A 140 -18.72 -12.11 -25.41
N VAL A 141 -19.16 -11.90 -24.17
CA VAL A 141 -20.24 -10.95 -23.88
C VAL A 141 -19.79 -10.04 -22.72
N THR A 142 -20.15 -8.77 -22.77
CA THR A 142 -19.81 -7.85 -21.71
C THR A 142 -21.03 -7.49 -20.87
N LEU A 143 -20.92 -7.77 -19.58
CA LEU A 143 -21.93 -7.40 -18.63
C LEU A 143 -21.28 -6.50 -17.62
N GLY A 144 -22.08 -5.86 -16.79
CA GLY A 144 -21.56 -5.04 -15.73
C GLY A 144 -22.59 -4.74 -14.67
N CYS A 145 -22.21 -3.95 -13.69
CA CYS A 145 -23.19 -3.34 -12.81
C CYS A 145 -22.78 -1.92 -12.42
N LEU A 146 -23.80 -1.10 -12.18
CA LEU A 146 -23.65 0.32 -11.98
C LEU A 146 -23.87 0.61 -10.53
N VAL A 147 -22.88 1.25 -9.92
CA VAL A 147 -22.87 1.51 -8.48
C VAL A 147 -22.92 3.01 -8.28
N LYS A 148 -24.08 3.52 -7.88
CA LYS A 148 -24.26 4.98 -7.85
C LYS A 148 -24.91 5.56 -6.60
N GLY A 149 -24.70 6.86 -6.41
CA GLY A 149 -25.21 7.58 -5.25
C GLY A 149 -24.66 7.12 -3.91
N TYR A 150 -23.33 6.97 -3.81
CA TYR A 150 -22.71 6.56 -2.54
C TYR A 150 -21.72 7.58 -1.99
N PHE A 151 -21.55 7.56 -0.67
CA PHE A 151 -20.60 8.41 0.04
C PHE A 151 -20.30 7.81 1.41
N PRO A 152 -19.03 7.89 1.86
CA PRO A 152 -17.87 8.30 1.08
C PRO A 152 -17.25 7.09 0.38
N GLU A 153 -16.13 7.32 -0.30
CA GLU A 153 -15.29 6.24 -0.81
C GLU A 153 -14.79 5.36 0.36
N PRO A 154 -14.45 4.09 0.09
CA PRO A 154 -14.53 3.40 -1.20
C PRO A 154 -15.71 2.41 -1.28
N VAL A 155 -15.88 1.78 -2.44
CA VAL A 155 -16.60 0.52 -2.53
C VAL A 155 -15.66 -0.52 -3.11
N THR A 156 -15.88 -1.79 -2.76
CA THR A 156 -15.18 -2.90 -3.39
C THR A 156 -16.18 -3.70 -4.23
N VAL A 157 -15.82 -3.96 -5.48
CA VAL A 157 -16.68 -4.70 -6.38
C VAL A 157 -15.98 -5.98 -6.77
N THR A 158 -16.65 -7.10 -6.50
CA THR A 158 -16.19 -8.42 -6.95
C THR A 158 -17.23 -9.06 -7.86
N TRP A 159 -16.81 -10.11 -8.56
CA TRP A 159 -17.70 -10.88 -9.41
C TRP A 159 -17.67 -12.35 -9.00
N ASN A 160 -18.87 -12.91 -8.82
CA ASN A 160 -19.07 -14.27 -8.30
C ASN A 160 -18.23 -14.57 -7.06
N SER A 161 -18.33 -13.64 -6.08
CA SER A 161 -17.59 -13.71 -4.80
C SER A 161 -16.07 -13.84 -4.97
N GLY A 162 -15.52 -13.16 -5.96
CA GLY A 162 -14.09 -13.18 -6.21
C GLY A 162 -13.63 -14.26 -7.17
N SER A 163 -14.47 -15.30 -7.35
CA SER A 163 -14.11 -16.43 -8.23
C SER A 163 -14.04 -16.07 -9.72
N LEU A 164 -14.60 -14.92 -10.08
CA LEU A 164 -14.46 -14.41 -11.44
C LEU A 164 -13.52 -13.21 -11.42
N SER A 165 -12.37 -13.34 -12.09
CA SER A 165 -11.26 -12.38 -11.97
C SER A 165 -10.80 -11.81 -13.31
N SER A 166 -10.54 -12.72 -14.26
CA SER A 166 -10.16 -12.36 -15.61
C SER A 166 -11.34 -11.68 -16.32
N GLY A 167 -11.05 -10.56 -16.98
CA GLY A 167 -12.03 -9.84 -17.78
C GLY A 167 -12.78 -8.77 -17.03
N VAL A 168 -12.32 -8.48 -15.81
CA VAL A 168 -12.92 -7.45 -14.96
C VAL A 168 -12.11 -6.14 -14.98
N HIS A 169 -12.78 -5.01 -15.20
CA HIS A 169 -12.27 -3.71 -14.73
C HIS A 169 -13.37 -2.92 -14.06
N THR A 170 -13.01 -2.31 -12.93
CA THR A 170 -13.87 -1.41 -12.20
C THR A 170 -13.32 0.00 -12.33
N PHE A 171 -14.14 0.91 -12.83
CA PHE A 171 -13.70 2.26 -13.13
C PHE A 171 -13.61 3.09 -11.86
N PRO A 172 -12.66 4.05 -11.82
CA PRO A 172 -12.63 5.04 -10.73
C PRO A 172 -13.95 5.81 -10.60
N ALA A 173 -14.36 6.09 -9.37
CA ALA A 173 -15.62 6.80 -9.12
C ALA A 173 -15.54 8.27 -9.52
N VAL A 174 -16.68 8.88 -9.84
CA VAL A 174 -16.77 10.32 -10.09
C VAL A 174 -17.61 10.96 -9.00
N LEU A 175 -17.24 12.18 -8.63
CA LEU A 175 -17.96 12.89 -7.59
C LEU A 175 -18.84 13.97 -8.17
N GLN A 176 -20.14 13.88 -7.90
CA GLN A 176 -21.07 14.94 -8.25
C GLN A 176 -22.07 15.17 -7.14
N SER A 177 -22.16 16.43 -6.73
CA SER A 177 -23.01 16.87 -5.61
C SER A 177 -22.93 15.90 -4.43
N ASP A 178 -21.73 15.72 -3.91
CA ASP A 178 -21.49 14.95 -2.67
C ASP A 178 -21.91 13.48 -2.75
N LEU A 179 -21.92 12.93 -3.96
CA LEU A 179 -22.18 11.50 -4.16
C LEU A 179 -21.29 10.92 -5.25
N TYR A 180 -20.86 9.67 -5.02
CA TYR A 180 -20.00 8.95 -5.95
C TYR A 180 -20.76 7.95 -6.81
N THR A 181 -20.19 7.64 -7.96
CA THR A 181 -20.76 6.69 -8.90
C THR A 181 -19.65 6.03 -9.69
N LEU A 182 -19.73 4.71 -9.83
CA LEU A 182 -18.82 3.98 -10.73
C LEU A 182 -19.53 2.77 -11.36
N SER A 183 -18.84 2.16 -12.31
CA SER A 183 -19.29 0.92 -12.93
C SER A 183 -18.17 -0.11 -12.99
N SER A 184 -18.57 -1.38 -13.02
CA SER A 184 -17.62 -2.46 -13.19
C SER A 184 -18.03 -3.30 -14.41
N SER A 185 -17.03 -3.83 -15.10
CA SER A 185 -17.23 -4.49 -16.36
C SER A 185 -16.61 -5.88 -16.30
N VAL A 186 -17.42 -6.89 -16.61
CA VAL A 186 -16.98 -8.28 -16.69
C VAL A 186 -17.21 -8.75 -18.14
N THR A 187 -16.33 -9.60 -18.63
CA THR A 187 -16.45 -10.16 -19.97
C THR A 187 -16.16 -11.67 -19.93
N VAL A 188 -17.21 -12.47 -20.19
CA VAL A 188 -17.16 -13.93 -20.12
C VAL A 188 -17.49 -14.51 -21.51
N PRO A 189 -17.11 -15.78 -21.77
CA PRO A 189 -17.52 -16.34 -23.06
C PRO A 189 -19.04 -16.30 -23.18
N SER A 190 -19.54 -15.99 -24.37
CA SER A 190 -20.97 -15.68 -24.56
C SER A 190 -21.83 -16.93 -24.47
N SER A 191 -21.23 -18.06 -24.85
CA SER A 191 -21.87 -19.36 -24.73
C SER A 191 -22.11 -19.77 -23.27
N SER A 192 -21.38 -19.17 -22.33
CA SER A 192 -21.47 -19.55 -20.93
C SER A 192 -22.51 -18.76 -20.13
N TRP A 193 -23.07 -17.69 -20.71
CA TRP A 193 -24.09 -16.90 -20.03
C TRP A 193 -25.35 -16.85 -20.91
N PRO A 194 -26.55 -16.91 -20.31
CA PRO A 194 -26.88 -16.91 -18.87
C PRO A 194 -26.97 -18.28 -18.20
N SER A 195 -26.51 -19.34 -18.87
CA SER A 195 -26.59 -20.69 -18.27
C SER A 195 -25.76 -20.73 -16.99
N GLU A 196 -24.45 -20.57 -17.10
CA GLU A 196 -23.61 -20.33 -15.91
C GLU A 196 -23.90 -18.92 -15.41
N THR A 197 -24.23 -18.79 -14.13
CA THR A 197 -24.65 -17.52 -13.54
C THR A 197 -23.49 -16.47 -13.41
N VAL A 198 -23.87 -15.20 -13.25
CA VAL A 198 -22.94 -14.04 -13.15
C VAL A 198 -23.53 -12.95 -12.23
N THR A 199 -22.83 -12.68 -11.13
CA THR A 199 -23.31 -11.77 -10.08
C THR A 199 -22.20 -10.80 -9.62
N CYS A 200 -22.53 -9.53 -9.43
CA CYS A 200 -21.60 -8.64 -8.79
C CYS A 200 -21.91 -8.53 -7.29
N ASN A 201 -20.87 -8.35 -6.49
CA ASN A 201 -20.99 -8.12 -5.06
C ASN A 201 -20.32 -6.79 -4.74
N VAL A 202 -21.07 -5.89 -4.12
CA VAL A 202 -20.60 -4.55 -3.85
C VAL A 202 -20.60 -4.30 -2.36
N ALA A 203 -19.39 -4.15 -1.80
CA ALA A 203 -19.21 -3.83 -0.39
C ALA A 203 -18.96 -2.34 -0.26
N HIS A 204 -19.65 -1.72 0.68
CA HIS A 204 -19.44 -0.31 1.01
C HIS A 204 -19.21 -0.14 2.53
N PRO A 205 -17.92 -0.17 2.97
CA PRO A 205 -17.60 -0.32 4.39
C PRO A 205 -18.13 0.80 5.28
N ALA A 206 -18.21 2.01 4.75
CA ALA A 206 -18.68 3.15 5.53
C ALA A 206 -20.13 3.05 5.99
N SER A 207 -20.91 2.22 5.31
CA SER A 207 -22.30 1.97 5.70
C SER A 207 -22.51 0.52 6.14
N SER A 208 -21.39 -0.20 6.29
CA SER A 208 -21.38 -1.63 6.63
C SER A 208 -22.39 -2.42 5.78
N THR A 209 -22.51 -2.04 4.51
CA THR A 209 -23.40 -2.74 3.59
C THR A 209 -22.64 -3.52 2.54
N LYS A 210 -23.12 -4.71 2.24
CA LYS A 210 -22.62 -5.51 1.14
C LYS A 210 -23.85 -6.06 0.42
N VAL A 211 -24.03 -5.67 -0.84
CA VAL A 211 -25.19 -6.12 -1.61
C VAL A 211 -24.78 -6.95 -2.82
N ASP A 212 -25.68 -7.83 -3.24
CA ASP A 212 -25.47 -8.67 -4.40
C ASP A 212 -26.36 -8.22 -5.53
N LYS A 213 -25.91 -8.42 -6.77
CA LYS A 213 -26.76 -8.20 -7.93
C LYS A 213 -26.48 -9.18 -9.08
N LYS A 214 -27.44 -10.09 -9.30
CA LYS A 214 -27.37 -11.07 -10.38
C LYS A 214 -27.64 -10.38 -11.73
N ILE A 215 -26.90 -10.79 -12.76
CA ILE A 215 -27.05 -10.20 -14.10
C ILE A 215 -27.77 -11.18 -15.06
N VAL A 216 -29.03 -10.87 -15.36
CA VAL A 216 -29.88 -11.73 -16.17
C VAL A 216 -30.30 -11.03 -17.47
N PRO A 217 -30.55 -11.80 -18.56
CA PRO A 217 -30.95 -11.16 -19.81
C PRO A 217 -32.18 -10.29 -19.63
N ARG A 218 -32.24 -9.22 -20.41
CA ARG A 218 -33.38 -8.30 -20.36
C ARG A 218 -34.67 -8.99 -20.83
N ASP A 219 -35.82 -8.48 -20.40
N ASP A 219 -35.79 -8.52 -20.30
CA ASP A 219 -37.10 -8.96 -20.94
CA ASP A 219 -37.10 -9.16 -20.48
C ASP A 219 -38.25 -7.97 -20.75
C ASP A 219 -37.85 -8.62 -21.70
N ASP B 1 16.78 15.14 7.25
CA ASP B 1 16.38 13.75 6.91
C ASP B 1 17.04 13.39 5.60
N ILE B 2 17.20 12.09 5.35
CA ILE B 2 17.76 11.61 4.11
C ILE B 2 16.73 11.75 3.02
N LEU B 3 17.14 12.43 1.95
N LEU B 3 17.10 12.44 1.95
CA LEU B 3 16.32 12.61 0.75
CA LEU B 3 16.22 12.59 0.81
C LEU B 3 16.58 11.50 -0.23
C LEU B 3 16.55 11.56 -0.25
N LEU B 4 15.51 10.88 -0.71
CA LEU B 4 15.61 9.82 -1.69
C LEU B 4 14.96 10.29 -3.00
N THR B 5 15.80 10.53 -4.01
CA THR B 5 15.38 10.97 -5.35
C THR B 5 15.21 9.79 -6.29
N GLN B 6 14.02 9.65 -6.90
CA GLN B 6 13.72 8.63 -7.91
C GLN B 6 13.37 9.28 -9.26
N SER B 7 14.30 9.25 -10.21
CA SER B 7 14.13 9.94 -11.50
C SER B 7 14.67 9.00 -12.55
N PRO B 8 13.88 8.71 -13.59
CA PRO B 8 12.60 9.37 -13.96
C PRO B 8 11.40 8.97 -13.09
N ALA B 9 10.39 9.84 -13.11
CA ALA B 9 9.15 9.64 -12.38
C ALA B 9 8.29 8.58 -13.06
N ILE B 10 8.40 8.49 -14.39
CA ILE B 10 7.68 7.48 -15.21
C ILE B 10 8.66 6.79 -16.15
N LEU B 11 8.46 5.51 -16.39
CA LEU B 11 9.34 4.70 -17.23
C LEU B 11 8.52 3.86 -18.22
N SER B 12 8.72 4.09 -19.53
CA SER B 12 8.02 3.32 -20.57
C SER B 12 8.92 2.26 -21.15
N VAL B 13 8.41 1.05 -21.29
CA VAL B 13 9.21 -0.07 -21.77
C VAL B 13 8.36 -1.06 -22.62
N SER B 14 8.99 -1.83 -23.49
CA SER B 14 8.25 -2.80 -24.31
C SER B 14 8.29 -4.15 -23.61
N PRO B 15 7.23 -4.97 -23.79
CA PRO B 15 7.17 -6.24 -23.05
C PRO B 15 8.42 -7.10 -23.24
N GLY B 16 8.81 -7.81 -22.19
CA GLY B 16 9.99 -8.66 -22.21
C GLY B 16 11.32 -7.95 -22.11
N GLU B 17 11.30 -6.61 -22.07
CA GLU B 17 12.54 -5.84 -21.99
C GLU B 17 13.09 -5.79 -20.55
N ARG B 18 14.37 -5.40 -20.38
CA ARG B 18 14.95 -5.23 -19.04
C ARG B 18 14.77 -3.79 -18.61
N VAL B 19 14.27 -3.59 -17.40
CA VAL B 19 14.00 -2.26 -16.90
C VAL B 19 14.79 -2.00 -15.60
N SER B 20 15.19 -0.74 -15.42
CA SER B 20 15.96 -0.32 -14.26
C SER B 20 15.38 0.95 -13.64
N PHE B 21 15.00 0.86 -12.36
CA PHE B 21 14.50 2.01 -11.62
C PHE B 21 15.65 2.57 -10.82
N SER B 22 15.73 3.89 -10.72
CA SER B 22 16.83 4.51 -10.01
C SER B 22 16.39 5.12 -8.66
N CYS B 23 17.24 4.97 -7.65
CA CYS B 23 17.05 5.61 -6.35
C CYS B 23 18.39 6.20 -5.86
N ARG B 24 18.42 7.51 -5.65
CA ARG B 24 19.61 8.18 -5.16
C ARG B 24 19.39 8.83 -3.79
N ALA B 25 20.25 8.50 -2.83
CA ALA B 25 20.19 9.06 -1.46
C ALA B 25 21.07 10.30 -1.34
N SER B 26 20.61 11.29 -0.57
CA SER B 26 21.32 12.56 -0.45
C SER B 26 22.60 12.43 0.37
N GLN B 27 22.73 11.32 1.08
CA GLN B 27 24.00 10.98 1.72
C GLN B 27 24.20 9.46 1.69
N SER B 28 25.39 9.04 2.07
CA SER B 28 25.77 7.65 2.00
C SER B 28 25.07 6.78 3.04
N ILE B 29 24.44 5.68 2.60
CA ILE B 29 23.63 4.85 3.47
C ILE B 29 23.92 3.32 3.33
N GLY B 30 25.17 2.99 3.00
CA GLY B 30 25.59 1.59 2.82
C GLY B 30 24.61 0.93 1.88
N THR B 31 23.93 -0.12 2.38
CA THR B 31 22.96 -0.88 1.63
C THR B 31 21.56 -0.87 2.28
N ASP B 32 21.27 0.13 3.11
CA ASP B 32 20.02 0.19 3.87
C ASP B 32 18.84 0.75 3.07
N ILE B 33 18.62 0.16 1.90
CA ILE B 33 17.54 0.57 1.04
C ILE B 33 16.65 -0.66 0.75
N HIS B 34 15.34 -0.45 0.82
CA HIS B 34 14.31 -1.45 0.54
C HIS B 34 13.34 -0.94 -0.54
N TRP B 35 12.83 -1.86 -1.35
CA TRP B 35 11.98 -1.52 -2.48
C TRP B 35 10.57 -2.13 -2.37
N TYR B 36 9.57 -1.31 -2.68
CA TYR B 36 8.18 -1.70 -2.60
C TYR B 36 7.46 -1.52 -3.92
N GLN B 37 6.55 -2.44 -4.19
CA GLN B 37 5.68 -2.36 -5.36
C GLN B 37 4.30 -2.04 -4.87
N GLN B 38 3.66 -1.04 -5.48
CA GLN B 38 2.25 -0.77 -5.20
C GLN B 38 1.41 -0.70 -6.50
N ARG B 39 0.63 -1.75 -6.73
CA ARG B 39 -0.37 -1.75 -7.81
C ARG B 39 -1.57 -0.83 -7.54
N THR B 40 -2.25 -0.42 -8.60
CA THR B 40 -3.47 0.41 -8.52
C THR B 40 -4.43 -0.15 -7.47
N ASN B 41 -4.75 0.69 -6.49
CA ASN B 41 -5.64 0.32 -5.36
C ASN B 41 -5.15 -0.72 -4.36
N GLY B 42 -3.90 -1.15 -4.49
CA GLY B 42 -3.32 -2.12 -3.57
C GLY B 42 -2.48 -1.47 -2.49
N SER B 43 -2.09 -2.25 -1.50
CA SER B 43 -1.14 -1.75 -0.51
C SER B 43 0.29 -2.04 -0.99
N PRO B 44 1.29 -1.31 -0.45
CA PRO B 44 2.65 -1.62 -0.87
C PRO B 44 3.05 -3.06 -0.52
N ARG B 45 3.95 -3.63 -1.33
CA ARG B 45 4.42 -4.98 -1.15
C ARG B 45 5.95 -4.99 -1.27
N LEU B 46 6.64 -5.48 -0.24
CA LEU B 46 8.11 -5.54 -0.24
C LEU B 46 8.65 -6.47 -1.32
N LEU B 47 9.63 -5.99 -2.10
CA LEU B 47 10.21 -6.76 -3.19
C LEU B 47 11.63 -7.15 -2.90
N ILE B 48 12.39 -6.18 -2.39
CA ILE B 48 13.82 -6.33 -2.18
C ILE B 48 14.15 -5.59 -0.89
N LYS B 49 14.98 -6.22 -0.06
CA LYS B 49 15.43 -5.63 1.20
C LYS B 49 16.95 -5.51 1.21
N TYR B 50 17.45 -4.51 1.94
CA TYR B 50 18.90 -4.24 1.98
C TYR B 50 19.50 -4.26 0.58
N ALA B 51 18.83 -3.55 -0.35
CA ALA B 51 19.37 -3.25 -1.67
C ALA B 51 19.44 -4.40 -2.65
N SER B 52 19.72 -5.61 -2.18
CA SER B 52 19.80 -6.77 -3.10
C SER B 52 19.18 -8.08 -2.59
N GLU B 53 18.62 -8.13 -1.38
CA GLU B 53 18.13 -9.41 -0.86
C GLU B 53 16.71 -9.78 -1.33
N SER B 54 16.59 -10.98 -1.86
CA SER B 54 15.33 -11.58 -2.26
C SER B 54 14.39 -11.72 -1.08
N ILE B 55 13.10 -11.58 -1.37
CA ILE B 55 12.03 -11.96 -0.48
C ILE B 55 11.43 -13.23 -1.10
N SER B 56 10.94 -14.15 -0.29
CA SER B 56 10.29 -15.33 -0.86
C SER B 56 8.89 -14.96 -1.37
N GLY B 57 8.49 -15.55 -2.50
CA GLY B 57 7.21 -15.22 -3.12
C GLY B 57 7.33 -14.18 -4.22
N ILE B 58 8.41 -13.42 -4.21
CA ILE B 58 8.67 -12.46 -5.27
C ILE B 58 9.29 -13.22 -6.44
N PRO B 59 8.78 -12.99 -7.66
CA PRO B 59 9.39 -13.59 -8.86
C PRO B 59 10.88 -13.27 -9.00
N SER B 60 11.64 -14.25 -9.46
CA SER B 60 13.09 -14.17 -9.63
C SER B 60 13.48 -13.08 -10.62
N ARG B 61 12.50 -12.68 -11.43
CA ARG B 61 12.56 -11.53 -12.33
C ARG B 61 13.18 -10.26 -11.68
N PHE B 62 12.83 -10.03 -10.42
CA PHE B 62 13.23 -8.82 -9.70
C PHE B 62 14.59 -8.97 -9.05
N SER B 63 15.48 -8.02 -9.29
CA SER B 63 16.72 -7.95 -8.52
C SER B 63 17.04 -6.52 -8.12
N GLY B 64 17.93 -6.36 -7.15
CA GLY B 64 18.44 -5.04 -6.75
C GLY B 64 19.95 -5.01 -6.71
N SER B 65 20.52 -3.80 -6.80
CA SER B 65 21.96 -3.62 -6.75
C SER B 65 22.25 -2.21 -6.26
N GLY B 66 23.52 -1.95 -5.89
CA GLY B 66 23.96 -0.63 -5.47
C GLY B 66 24.40 -0.54 -4.01
N SER B 67 25.18 0.50 -3.70
CA SER B 67 25.50 0.84 -2.31
C SER B 67 26.03 2.26 -2.23
N GLY B 68 26.00 2.81 -1.02
CA GLY B 68 26.43 4.17 -0.82
C GLY B 68 25.25 5.07 -1.05
N THR B 69 25.19 5.68 -2.24
CA THR B 69 24.16 6.66 -2.55
C THR B 69 23.30 6.26 -3.76
N ASP B 70 23.78 5.31 -4.57
CA ASP B 70 23.11 4.96 -5.82
C ASP B 70 22.56 3.54 -5.86
N PHE B 71 21.24 3.44 -6.04
CA PHE B 71 20.55 2.15 -5.97
C PHE B 71 19.69 1.90 -7.20
N THR B 72 19.59 0.64 -7.55
CA THR B 72 18.87 0.25 -8.75
C THR B 72 17.98 -0.94 -8.42
N LEU B 73 16.69 -0.81 -8.75
CA LEU B 73 15.79 -1.96 -8.87
C LEU B 73 15.69 -2.37 -10.32
N SER B 74 15.91 -3.66 -10.62
CA SER B 74 15.86 -4.13 -12.00
C SER B 74 14.79 -5.19 -12.19
N ILE B 75 14.20 -5.21 -13.39
CA ILE B 75 13.28 -6.29 -13.77
C ILE B 75 13.77 -6.85 -15.07
N ASN B 76 14.18 -8.12 -15.05
N ASN B 76 14.16 -8.12 -15.08
CA ASN B 76 14.47 -8.83 -16.29
CA ASN B 76 14.51 -8.79 -16.34
C ASN B 76 13.13 -9.13 -16.93
C ASN B 76 13.24 -9.29 -17.01
N SER B 77 12.99 -8.82 -18.22
CA SER B 77 11.77 -9.20 -18.96
C SER B 77 10.46 -8.74 -18.28
N VAL B 78 10.11 -7.48 -18.51
CA VAL B 78 8.88 -6.91 -17.95
C VAL B 78 7.66 -7.62 -18.49
N GLU B 79 6.64 -7.75 -17.65
CA GLU B 79 5.36 -8.23 -18.09
C GLU B 79 4.25 -7.42 -17.40
N SER B 80 3.02 -7.62 -17.87
CA SER B 80 1.86 -6.81 -17.50
C SER B 80 1.60 -6.62 -16.01
N GLU B 81 1.76 -7.70 -15.25
CA GLU B 81 1.53 -7.62 -13.80
C GLU B 81 2.55 -6.70 -13.10
N ASP B 82 3.62 -6.33 -13.80
CA ASP B 82 4.60 -5.40 -13.25
C ASP B 82 4.19 -3.92 -13.37
N ILE B 83 3.07 -3.63 -14.03
CA ILE B 83 2.58 -2.27 -14.10
C ILE B 83 2.18 -1.87 -12.68
N ALA B 84 2.89 -0.89 -12.14
CA ALA B 84 2.75 -0.47 -10.73
C ALA B 84 3.52 0.80 -10.45
N ASN B 85 3.34 1.34 -9.24
CA ASN B 85 4.28 2.31 -8.67
C ASN B 85 5.35 1.62 -7.82
N TYR B 86 6.58 2.15 -7.89
CA TYR B 86 7.75 1.58 -7.26
C TYR B 86 8.44 2.58 -6.37
N TYR B 87 8.59 2.23 -5.09
CA TYR B 87 9.13 3.14 -4.10
C TYR B 87 10.36 2.53 -3.42
N CYS B 88 11.35 3.39 -3.18
CA CYS B 88 12.46 3.02 -2.33
C CYS B 88 12.28 3.61 -0.92
N GLN B 89 12.99 3.06 0.06
CA GLN B 89 12.83 3.42 1.46
C GLN B 89 14.15 3.18 2.14
N GLN B 90 14.54 4.12 2.99
CA GLN B 90 15.82 4.02 3.67
C GLN B 90 15.62 3.81 5.16
N SER B 91 16.47 2.97 5.75
CA SER B 91 16.47 2.74 7.18
C SER B 91 17.87 2.94 7.78
N ASN B 92 18.74 3.67 7.10
CA ASN B 92 20.06 4.00 7.65
C ASN B 92 20.04 4.94 8.84
N ARG B 93 19.21 5.98 8.78
CA ARG B 93 19.18 7.07 9.77
C ARG B 93 17.74 7.41 10.10
N TRP B 94 17.48 7.81 11.35
CA TRP B 94 16.15 8.20 11.77
C TRP B 94 15.87 9.63 11.29
N PRO B 95 14.66 9.89 10.77
CA PRO B 95 13.52 8.96 10.52
C PRO B 95 13.64 8.22 9.19
N PHE B 96 12.94 7.09 9.07
CA PHE B 96 12.87 6.37 7.81
C PHE B 96 12.19 7.32 6.82
N THR B 97 12.63 7.28 5.57
CA THR B 97 12.05 8.13 4.54
C THR B 97 11.80 7.31 3.28
N PHE B 98 10.83 7.76 2.49
CA PHE B 98 10.50 7.14 1.21
C PHE B 98 10.93 8.01 0.03
N GLY B 99 11.26 7.39 -1.08
CA GLY B 99 11.35 8.12 -2.33
C GLY B 99 9.98 8.48 -2.87
N SER B 100 9.96 9.30 -3.91
CA SER B 100 8.70 9.87 -4.42
C SER B 100 7.93 8.97 -5.40
N GLY B 101 8.60 7.97 -5.98
CA GLY B 101 7.94 6.96 -6.78
C GLY B 101 8.27 6.99 -8.26
N THR B 102 8.51 5.82 -8.85
CA THR B 102 8.55 5.66 -10.29
C THR B 102 7.39 4.76 -10.77
N LYS B 103 6.61 5.27 -11.71
CA LYS B 103 5.52 4.52 -12.33
C LYS B 103 6.06 3.74 -13.53
N LEU B 104 5.69 2.47 -13.61
CA LEU B 104 6.09 1.67 -14.75
C LEU B 104 4.96 1.51 -15.75
N GLU B 105 5.31 1.76 -17.00
CA GLU B 105 4.37 1.83 -18.09
C GLU B 105 4.85 0.89 -19.17
N ILE B 106 3.94 0.12 -19.76
CA ILE B 106 4.30 -0.78 -20.84
C ILE B 106 3.71 -0.34 -22.18
N LYS B 107 4.55 -0.37 -23.21
CA LYS B 107 4.12 -0.08 -24.57
C LYS B 107 3.84 -1.38 -25.32
N ARG B 108 2.57 -1.72 -25.43
CA ARG B 108 2.13 -2.94 -26.12
C ARG B 108 1.69 -2.58 -27.55
N ALA B 109 1.23 -3.59 -28.30
CA ALA B 109 0.64 -3.34 -29.64
C ALA B 109 -0.66 -2.51 -29.57
N ASP B 110 -0.89 -1.70 -30.60
CA ASP B 110 -2.14 -0.95 -30.75
C ASP B 110 -3.32 -1.90 -30.71
N ALA B 111 -4.40 -1.48 -30.07
CA ALA B 111 -5.64 -2.26 -30.06
C ALA B 111 -6.86 -1.37 -30.05
N ALA B 112 -7.85 -1.71 -30.88
CA ALA B 112 -9.12 -1.00 -30.96
C ALA B 112 -9.97 -1.33 -29.74
N PRO B 113 -10.82 -0.38 -29.33
CA PRO B 113 -11.68 -0.63 -28.18
C PRO B 113 -12.86 -1.55 -28.50
N THR B 114 -13.35 -2.24 -27.49
CA THR B 114 -14.53 -3.05 -27.57
C THR B 114 -15.62 -2.22 -26.91
N VAL B 115 -16.55 -1.76 -27.72
CA VAL B 115 -17.59 -0.85 -27.24
C VAL B 115 -18.86 -1.64 -26.92
N SER B 116 -19.50 -1.27 -25.82
CA SER B 116 -20.77 -1.86 -25.40
C SER B 116 -21.64 -0.76 -24.86
N ILE B 117 -22.91 -0.73 -25.29
CA ILE B 117 -23.89 0.24 -24.78
C ILE B 117 -24.96 -0.50 -23.98
N PHE B 118 -25.42 0.13 -22.90
CA PHE B 118 -26.37 -0.49 -22.00
C PHE B 118 -27.53 0.45 -21.70
N PRO B 119 -28.77 0.00 -21.97
CA PRO B 119 -29.96 0.75 -21.59
C PRO B 119 -30.09 0.80 -20.08
N PRO B 120 -30.84 1.79 -19.56
CA PRO B 120 -31.07 1.80 -18.11
C PRO B 120 -31.83 0.55 -17.67
N SER B 121 -31.70 0.22 -16.39
CA SER B 121 -32.37 -0.96 -15.82
C SER B 121 -33.77 -0.60 -15.33
N SER B 122 -34.66 -1.58 -15.32
CA SER B 122 -36.04 -1.36 -14.84
C SER B 122 -36.09 -0.95 -13.36
N GLU B 123 -35.16 -1.47 -12.56
CA GLU B 123 -35.04 -1.08 -11.15
C GLU B 123 -34.70 0.40 -11.01
N GLN B 124 -33.89 0.90 -11.95
CA GLN B 124 -33.49 2.31 -11.93
C GLN B 124 -34.63 3.19 -12.44
N LEU B 125 -35.32 2.73 -13.48
CA LEU B 125 -36.45 3.47 -14.02
C LEU B 125 -37.53 3.69 -12.96
N THR B 126 -37.83 2.61 -12.21
CA THR B 126 -38.71 2.64 -11.03
C THR B 126 -38.38 3.78 -10.04
N SER B 127 -37.10 4.07 -9.84
CA SER B 127 -36.66 5.11 -8.92
C SER B 127 -36.72 6.50 -9.56
N GLY B 128 -37.03 6.54 -10.85
CA GLY B 128 -37.24 7.81 -11.56
C GLY B 128 -36.00 8.41 -12.19
N GLY B 129 -34.92 7.65 -12.22
CA GLY B 129 -33.71 8.07 -12.91
C GLY B 129 -33.40 7.13 -14.05
N ALA B 130 -32.61 7.61 -15.01
CA ALA B 130 -32.17 6.78 -16.12
C ALA B 130 -30.69 6.99 -16.46
N SER B 131 -29.91 5.90 -16.41
CA SER B 131 -28.50 5.98 -16.74
C SER B 131 -28.17 5.11 -17.94
N VAL B 132 -27.64 5.73 -18.97
CA VAL B 132 -27.14 4.99 -20.12
C VAL B 132 -25.62 4.93 -20.02
N VAL B 133 -25.11 3.70 -19.97
CA VAL B 133 -23.70 3.43 -19.68
C VAL B 133 -23.04 2.82 -20.89
N CYS B 134 -21.88 3.37 -21.26
CA CYS B 134 -21.13 2.89 -22.40
C CYS B 134 -19.68 2.56 -21.98
N PHE B 135 -19.25 1.34 -22.31
CA PHE B 135 -17.90 0.90 -22.02
C PHE B 135 -17.07 0.90 -23.28
N LEU B 136 -15.88 1.49 -23.17
CA LEU B 136 -14.88 1.47 -24.23
C LEU B 136 -13.70 0.70 -23.62
N ASN B 137 -13.52 -0.55 -24.06
CA ASN B 137 -12.69 -1.49 -23.31
C ASN B 137 -11.51 -2.06 -24.05
N ASN B 138 -10.42 -2.17 -23.31
CA ASN B 138 -9.18 -2.82 -23.75
C ASN B 138 -8.55 -2.22 -25.02
N PHE B 139 -8.47 -0.89 -25.05
CA PHE B 139 -7.82 -0.23 -26.16
C PHE B 139 -6.38 0.21 -25.82
N TYR B 140 -5.63 0.52 -26.88
CA TYR B 140 -4.26 1.00 -26.77
C TYR B 140 -3.89 1.66 -28.10
N PRO B 141 -3.36 2.91 -28.07
CA PRO B 141 -3.00 3.75 -26.91
C PRO B 141 -4.19 4.27 -26.10
N LYS B 142 -3.89 4.99 -25.02
CA LYS B 142 -4.89 5.48 -24.10
C LYS B 142 -5.75 6.60 -24.65
N ASP B 143 -5.25 7.36 -25.63
CA ASP B 143 -6.00 8.49 -26.20
C ASP B 143 -7.31 8.03 -26.88
N ILE B 144 -8.44 8.55 -26.44
CA ILE B 144 -9.73 8.13 -26.99
C ILE B 144 -10.82 9.20 -26.78
N ASN B 145 -11.77 9.27 -27.71
CA ASN B 145 -12.92 10.20 -27.55
C ASN B 145 -14.26 9.52 -27.68
N VAL B 146 -15.15 9.83 -26.76
CA VAL B 146 -16.49 9.30 -26.76
C VAL B 146 -17.48 10.43 -27.05
N LYS B 147 -18.49 10.11 -27.84
CA LYS B 147 -19.51 11.08 -28.24
C LYS B 147 -20.88 10.45 -28.07
N TRP B 148 -21.80 11.22 -27.54
CA TRP B 148 -23.16 10.77 -27.42
C TRP B 148 -24.07 11.44 -28.43
N LYS B 149 -25.00 10.65 -28.99
CA LYS B 149 -26.08 11.16 -29.83
C LYS B 149 -27.41 10.65 -29.36
N ILE B 150 -28.31 11.60 -29.11
CA ILE B 150 -29.70 11.27 -28.85
C ILE B 150 -30.53 11.63 -30.09
N ASP B 151 -31.32 10.66 -30.54
CA ASP B 151 -32.13 10.77 -31.76
C ASP B 151 -31.41 11.52 -32.87
N GLY B 152 -30.15 11.13 -33.13
CA GLY B 152 -29.34 11.75 -34.16
C GLY B 152 -28.56 12.99 -33.76
N SER B 153 -28.97 13.64 -32.67
CA SER B 153 -28.34 14.89 -32.22
C SER B 153 -27.32 14.73 -31.08
N GLU B 154 -26.10 15.25 -31.30
CA GLU B 154 -25.01 15.21 -30.30
C GLU B 154 -25.43 15.73 -28.93
N ARG B 155 -25.32 14.87 -27.92
CA ARG B 155 -25.65 15.25 -26.55
C ARG B 155 -24.36 15.47 -25.75
N GLN B 156 -24.34 16.53 -24.95
CA GLN B 156 -23.16 16.86 -24.14
C GLN B 156 -23.45 16.95 -22.65
N ASN B 157 -24.67 17.34 -22.30
CA ASN B 157 -25.03 17.52 -20.91
C ASN B 157 -25.34 16.20 -20.21
N GLY B 158 -24.92 16.14 -18.95
CA GLY B 158 -25.13 14.96 -18.12
C GLY B 158 -24.26 13.76 -18.44
N VAL B 159 -23.21 13.97 -19.23
CA VAL B 159 -22.25 12.90 -19.58
C VAL B 159 -20.98 12.98 -18.70
N LEU B 160 -20.80 11.96 -17.86
CA LEU B 160 -19.57 11.80 -17.06
C LEU B 160 -18.73 10.63 -17.55
N ASN B 161 -17.42 10.85 -17.64
CA ASN B 161 -16.48 9.83 -18.09
C ASN B 161 -15.46 9.43 -17.02
N SER B 162 -14.91 8.22 -17.14
CA SER B 162 -13.91 7.71 -16.21
C SER B 162 -12.95 6.81 -16.97
N TRP B 163 -11.66 7.00 -16.72
CA TRP B 163 -10.63 6.19 -17.38
C TRP B 163 -9.92 5.31 -16.34
N THR B 164 -9.53 4.11 -16.73
CA THR B 164 -8.72 3.28 -15.87
C THR B 164 -7.23 3.55 -16.09
N ASP B 165 -6.41 3.27 -15.09
CA ASP B 165 -4.95 3.20 -15.24
C ASP B 165 -4.62 2.02 -16.16
N GLN B 166 -3.38 1.92 -16.62
CA GLN B 166 -3.02 0.81 -17.50
C GLN B 166 -3.28 -0.50 -16.78
N ASP B 167 -3.81 -1.47 -17.53
CA ASP B 167 -4.32 -2.69 -16.96
C ASP B 167 -3.18 -3.69 -16.71
N SER B 168 -3.07 -4.19 -15.49
CA SER B 168 -1.98 -5.12 -15.17
C SER B 168 -2.22 -6.54 -15.68
N LYS B 169 -3.30 -6.75 -16.42
CA LYS B 169 -3.53 -8.05 -17.04
C LYS B 169 -3.10 -8.11 -18.50
N ASP B 170 -3.31 -7.02 -19.25
CA ASP B 170 -2.93 -7.00 -20.69
C ASP B 170 -2.33 -5.69 -21.21
N SER B 171 -2.02 -4.77 -20.31
CA SER B 171 -1.40 -3.48 -20.66
C SER B 171 -2.28 -2.54 -21.48
N THR B 172 -3.59 -2.76 -21.48
CA THR B 172 -4.50 -1.91 -22.25
C THR B 172 -5.11 -0.82 -21.37
N TYR B 173 -5.97 0.00 -21.94
CA TYR B 173 -6.77 0.96 -21.16
C TYR B 173 -8.24 0.73 -21.42
N SER B 174 -9.07 1.31 -20.55
CA SER B 174 -10.53 1.21 -20.64
C SER B 174 -11.16 2.50 -20.14
N MET B 175 -12.38 2.77 -20.60
CA MET B 175 -13.07 3.99 -20.25
C MET B 175 -14.57 3.75 -20.18
N SER B 176 -15.22 4.35 -19.20
CA SER B 176 -16.66 4.30 -19.16
C SER B 176 -17.23 5.71 -19.40
N SER B 177 -18.35 5.77 -20.11
CA SER B 177 -19.07 7.02 -20.35
C SER B 177 -20.50 6.86 -19.89
N THR B 178 -20.94 7.74 -19.01
CA THR B 178 -22.27 7.61 -18.41
C THR B 178 -23.12 8.87 -18.65
N LEU B 179 -24.17 8.69 -19.43
CA LEU B 179 -25.21 9.70 -19.65
C LEU B 179 -26.35 9.47 -18.65
N THR B 180 -26.58 10.44 -17.78
CA THR B 180 -27.62 10.35 -16.76
C THR B 180 -28.74 11.34 -17.08
N LEU B 181 -29.97 10.83 -17.11
CA LEU B 181 -31.15 11.66 -17.33
C LEU B 181 -32.22 11.31 -16.30
N THR B 182 -33.27 12.13 -16.19
CA THR B 182 -34.48 11.67 -15.48
C THR B 182 -35.21 10.69 -16.39
N LYS B 183 -36.07 9.85 -15.80
CA LYS B 183 -36.93 8.96 -16.56
C LYS B 183 -37.70 9.74 -17.63
N ASP B 184 -38.26 10.88 -17.21
CA ASP B 184 -38.96 11.80 -18.11
C ASP B 184 -38.17 12.21 -19.36
N GLU B 185 -36.98 12.79 -19.16
CA GLU B 185 -36.09 13.19 -20.25
C GLU B 185 -35.73 11.98 -21.14
N TYR B 186 -35.66 10.81 -20.52
CA TYR B 186 -35.34 9.57 -21.22
C TYR B 186 -36.54 9.08 -22.03
N GLU B 187 -37.74 9.30 -21.49
CA GLU B 187 -39.00 8.87 -22.13
C GLU B 187 -39.29 9.60 -23.44
N ARG B 188 -38.92 10.87 -23.51
CA ARG B 188 -39.21 11.69 -24.71
C ARG B 188 -38.12 11.65 -25.79
N HIS B 189 -37.38 10.55 -25.84
CA HIS B 189 -36.42 10.27 -26.91
C HIS B 189 -36.38 8.78 -27.23
N ASN B 190 -35.96 8.45 -28.43
CA ASN B 190 -35.99 7.06 -28.87
C ASN B 190 -34.62 6.37 -28.90
N SER B 191 -33.72 6.84 -29.77
CA SER B 191 -32.44 6.19 -29.97
C SER B 191 -31.29 6.89 -29.25
N TYR B 192 -30.50 6.09 -28.53
CA TYR B 192 -29.36 6.55 -27.76
C TYR B 192 -28.11 5.90 -28.32
N THR B 193 -27.13 6.72 -28.72
CA THR B 193 -25.93 6.18 -29.36
C THR B 193 -24.60 6.65 -28.73
N CYS B 194 -23.63 5.76 -28.79
CA CYS B 194 -22.33 5.97 -28.20
C CYS B 194 -21.27 5.80 -29.30
N GLU B 195 -20.45 6.83 -29.49
CA GLU B 195 -19.43 6.85 -30.56
C GLU B 195 -18.01 6.96 -30.01
N ALA B 196 -17.14 6.06 -30.48
CA ALA B 196 -15.76 6.04 -30.03
C ALA B 196 -14.78 6.22 -31.19
N THR B 197 -13.98 7.28 -31.11
CA THR B 197 -12.91 7.55 -32.10
C THR B 197 -11.54 7.25 -31.50
N HIS B 198 -10.79 6.40 -32.17
CA HIS B 198 -9.53 5.93 -31.66
C HIS B 198 -8.54 5.74 -32.79
N LYS B 199 -7.28 6.03 -32.48
CA LYS B 199 -6.14 5.86 -33.37
C LYS B 199 -6.29 4.73 -34.38
N THR B 200 -6.72 3.55 -33.92
CA THR B 200 -6.77 2.32 -34.73
C THR B 200 -7.71 2.33 -35.95
N SER B 201 -8.48 3.41 -36.12
CA SER B 201 -9.45 3.53 -37.20
C SER B 201 -9.97 4.96 -37.40
N THR B 202 -9.84 5.43 -38.64
CA THR B 202 -10.36 6.74 -39.07
C THR B 202 -11.89 6.85 -38.94
N SER B 203 -12.59 5.73 -39.07
CA SER B 203 -14.03 5.65 -38.83
C SER B 203 -14.27 5.41 -37.35
N PRO B 204 -15.26 6.10 -36.74
CA PRO B 204 -15.56 5.80 -35.35
C PRO B 204 -16.20 4.40 -35.20
N ILE B 205 -16.14 3.85 -33.99
CA ILE B 205 -16.92 2.67 -33.64
C ILE B 205 -18.16 3.18 -32.94
N VAL B 206 -19.33 2.70 -33.37
CA VAL B 206 -20.60 3.19 -32.82
C VAL B 206 -21.51 2.07 -32.31
N LYS B 207 -22.19 2.33 -31.20
CA LYS B 207 -23.15 1.41 -30.64
C LYS B 207 -24.36 2.21 -30.17
N SER B 208 -25.54 1.64 -30.41
CA SER B 208 -26.81 2.31 -30.10
C SER B 208 -27.96 1.34 -29.87
N PHE B 209 -29.01 1.84 -29.23
CA PHE B 209 -30.22 1.07 -29.04
C PHE B 209 -31.41 2.03 -29.14
N ASN B 210 -32.60 1.48 -29.39
CA ASN B 210 -33.86 2.23 -29.35
C ASN B 210 -34.68 1.81 -28.14
N ARG B 211 -35.40 2.76 -27.55
CA ARG B 211 -36.09 2.56 -26.27
C ARG B 211 -37.20 1.48 -26.26
N ASN B 212 -37.74 1.16 -27.44
CA ASN B 212 -38.80 0.15 -27.58
C ASN B 212 -38.30 -1.30 -27.78
N SER C 22 32.37 -24.59 43.23
CA SER C 22 33.87 -24.73 43.29
C SER C 22 34.60 -23.40 43.60
N ALA C 23 35.83 -23.25 43.09
CA ALA C 23 36.66 -22.08 43.34
C ALA C 23 35.97 -20.76 42.97
N LEU C 24 36.09 -19.76 43.85
CA LEU C 24 35.42 -18.47 43.68
C LEU C 24 35.78 -17.75 42.35
N HIS C 25 37.06 -17.75 42.00
CA HIS C 25 37.52 -17.01 40.82
C HIS C 25 36.88 -17.52 39.53
N TRP C 26 36.76 -18.84 39.41
CA TRP C 26 36.13 -19.42 38.22
C TRP C 26 34.61 -19.25 38.23
N ARG C 27 34.01 -19.27 39.42
CA ARG C 27 32.58 -19.03 39.55
C ARG C 27 32.30 -17.60 39.09
N ALA C 28 33.09 -16.66 39.60
CA ALA C 28 32.91 -15.28 39.26
C ALA C 28 33.14 -15.02 37.74
N ALA C 29 34.13 -15.68 37.14
CA ALA C 29 34.39 -15.57 35.68
C ALA C 29 33.17 -16.02 34.87
N GLY C 30 32.70 -17.24 35.14
CA GLY C 30 31.46 -17.77 34.58
C GLY C 30 30.36 -16.73 34.73
N ALA C 31 30.16 -16.25 35.96
CA ALA C 31 29.08 -15.32 36.23
C ALA C 31 29.26 -14.00 35.48
N ALA C 32 30.52 -13.59 35.35
CA ALA C 32 30.84 -12.35 34.65
C ALA C 32 30.40 -12.44 33.19
N THR C 33 30.64 -13.60 32.58
CA THR C 33 30.37 -13.90 31.19
C THR C 33 28.87 -13.93 30.87
N VAL C 34 28.10 -14.55 31.75
CA VAL C 34 26.66 -14.57 31.62
C VAL C 34 26.08 -13.16 31.76
N LEU C 35 26.56 -12.40 32.74
N LEU C 35 26.57 -12.39 32.73
CA LEU C 35 26.10 -11.04 32.97
CA LEU C 35 26.07 -11.05 32.97
C LEU C 35 26.39 -10.16 31.75
C LEU C 35 26.47 -10.06 31.86
N LEU C 36 27.56 -10.35 31.16
CA LEU C 36 27.99 -9.53 30.04
C LEU C 36 27.09 -9.81 28.83
N VAL C 37 26.82 -11.09 28.57
CA VAL C 37 25.89 -11.47 27.50
C VAL C 37 24.53 -10.79 27.69
N ILE C 38 24.04 -10.75 28.93
CA ILE C 38 22.75 -10.11 29.24
C ILE C 38 22.77 -8.59 29.05
N VAL C 39 23.87 -7.95 29.45
CA VAL C 39 24.09 -6.53 29.23
C VAL C 39 24.18 -6.21 27.72
N LEU C 40 24.89 -7.01 26.94
CA LEU C 40 24.93 -6.81 25.50
C LEU C 40 23.50 -6.80 24.91
N LEU C 41 22.73 -7.82 25.28
CA LEU C 41 21.39 -8.01 24.70
C LEU C 41 20.43 -6.91 25.12
N ALA C 42 20.44 -6.56 26.41
CA ALA C 42 19.57 -5.50 26.90
C ALA C 42 20.02 -4.14 26.40
N GLY C 43 21.34 -3.96 26.26
CA GLY C 43 21.91 -2.73 25.72
C GLY C 43 21.53 -2.48 24.27
N SER C 44 21.57 -3.54 23.46
CA SER C 44 21.10 -3.44 22.09
C SER C 44 19.65 -2.98 22.03
N TYR C 45 18.80 -3.63 22.82
CA TYR C 45 17.37 -3.34 22.81
C TYR C 45 17.12 -1.91 23.29
N LEU C 46 17.81 -1.51 24.36
CA LEU C 46 17.58 -0.19 24.93
C LEU C 46 18.22 0.96 24.13
N ALA C 47 19.27 0.67 23.38
CA ALA C 47 19.96 1.68 22.58
C ALA C 47 19.01 2.10 21.43
N VAL C 48 18.38 1.10 20.80
CA VAL C 48 17.43 1.34 19.72
C VAL C 48 16.25 2.17 20.25
N LEU C 49 15.77 1.77 21.41
CA LEU C 49 14.67 2.47 22.08
C LEU C 49 15.01 3.92 22.34
N ALA C 50 16.21 4.16 22.88
CA ALA C 50 16.69 5.49 23.23
C ALA C 50 16.93 6.38 22.00
N GLU C 51 17.43 5.77 20.92
CA GLU C 51 17.96 6.49 19.77
C GLU C 51 16.91 6.80 18.67
N ARG C 52 15.89 5.96 18.50
CA ARG C 52 14.82 6.25 17.53
C ARG C 52 14.09 7.51 18.00
N GLY C 53 13.82 8.41 17.08
CA GLY C 53 13.20 9.65 17.47
C GLY C 53 14.23 10.76 17.58
N ALA C 54 15.52 10.42 17.40
CA ALA C 54 16.59 11.43 17.26
C ALA C 54 17.07 11.56 15.79
N PRO C 55 16.80 12.71 15.17
CA PRO C 55 17.10 12.85 13.74
C PRO C 55 18.59 12.67 13.51
N GLY C 56 18.97 11.78 12.59
CA GLY C 56 20.37 11.57 12.30
C GLY C 56 20.93 10.33 12.98
N ALA C 57 20.20 9.75 13.93
CA ALA C 57 20.73 8.60 14.70
C ALA C 57 20.84 7.38 13.79
N GLN C 58 21.96 6.64 13.90
CA GLN C 58 22.18 5.44 13.10
C GLN C 58 21.99 4.16 13.92
N LEU C 59 21.91 4.30 15.24
CA LEU C 59 21.90 3.16 16.15
C LEU C 59 20.44 2.73 16.39
N ILE C 60 19.77 2.30 15.33
CA ILE C 60 18.30 2.21 15.33
C ILE C 60 17.67 0.91 14.87
N THR C 61 18.48 -0.07 14.50
CA THR C 61 17.98 -1.40 14.21
C THR C 61 18.73 -2.42 15.11
N TYR C 62 18.06 -3.54 15.44
CA TYR C 62 18.58 -4.48 16.46
C TYR C 62 19.87 -5.21 16.10
N PRO C 63 19.97 -5.79 14.88
CA PRO C 63 21.23 -6.50 14.58
C PRO C 63 22.50 -5.64 14.66
N ARG C 64 22.48 -4.43 14.09
CA ARG C 64 23.69 -3.62 14.17
C ARG C 64 23.85 -3.06 15.59
N ALA C 65 22.74 -2.88 16.32
CA ALA C 65 22.86 -2.49 17.71
C ALA C 65 23.63 -3.57 18.53
N LEU C 66 23.38 -4.85 18.29
CA LEU C 66 24.12 -5.91 19.02
C LEU C 66 25.62 -5.86 18.71
N TRP C 67 25.93 -5.61 17.43
CA TRP C 67 27.31 -5.44 16.97
C TRP C 67 27.92 -4.21 17.63
N TRP C 68 27.18 -3.12 17.64
CA TRP C 68 27.66 -1.91 18.24
C TRP C 68 27.98 -2.14 19.72
N SER C 69 27.12 -2.89 20.42
CA SER C 69 27.34 -3.07 21.85
C SER C 69 28.55 -3.97 22.14
N VAL C 70 28.76 -4.99 21.29
CA VAL C 70 29.96 -5.83 21.36
C VAL C 70 31.23 -4.97 21.19
N GLU C 71 31.28 -4.13 20.15
CA GLU C 71 32.47 -3.34 19.90
C GLU C 71 32.67 -2.23 20.92
N THR C 72 31.63 -1.93 21.68
CA THR C 72 31.71 -1.00 22.79
C THR C 72 32.20 -1.67 24.08
N ALA C 73 31.66 -2.86 24.39
CA ALA C 73 32.05 -3.65 25.57
C ALA C 73 33.54 -4.03 25.55
N THR C 74 34.03 -4.38 24.37
CA THR C 74 35.43 -4.78 24.19
C THR C 74 36.24 -3.49 24.12
N THR C 75 35.51 -2.39 24.18
CA THR C 75 36.05 -1.07 23.99
C THR C 75 36.73 -0.91 22.61
N VAL C 76 36.37 -1.66 21.57
CA VAL C 76 37.03 -1.44 20.27
C VAL C 76 36.53 -0.13 19.60
N GLY C 77 35.24 0.19 19.68
CA GLY C 77 34.68 1.46 19.18
C GLY C 77 35.07 1.96 17.77
N TYR C 78 34.98 1.15 16.72
CA TYR C 78 35.32 1.66 15.37
C TYR C 78 34.78 3.03 14.98
N GLY C 79 33.61 3.45 15.45
CA GLY C 79 33.09 4.70 14.97
C GLY C 79 32.12 4.56 13.79
N ASP C 80 31.83 3.33 13.39
CA ASP C 80 30.78 3.09 12.40
C ASP C 80 29.42 3.35 13.01
N LEU C 81 29.29 3.16 14.33
CA LEU C 81 28.01 3.38 15.00
C LEU C 81 28.26 3.94 16.37
N TYR C 82 27.38 4.81 16.84
CA TYR C 82 27.47 5.34 18.21
C TYR C 82 26.20 6.09 18.59
N PRO C 83 25.85 6.11 19.89
CA PRO C 83 24.61 6.79 20.28
C PRO C 83 24.79 8.30 20.16
N VAL C 84 23.72 9.04 19.90
CA VAL C 84 23.76 10.49 20.01
C VAL C 84 22.82 11.06 21.09
N THR C 85 21.98 10.26 21.74
CA THR C 85 21.08 10.80 22.80
C THR C 85 21.64 10.61 24.22
N LEU C 86 21.06 11.33 25.20
CA LEU C 86 21.41 11.15 26.61
C LEU C 86 21.31 9.69 27.08
N TRP C 87 20.15 9.06 26.84
CA TRP C 87 19.92 7.70 27.35
C TRP C 87 20.72 6.67 26.59
N GLY C 88 20.87 6.88 25.28
CA GLY C 88 21.70 6.01 24.46
C GLY C 88 23.10 6.00 25.00
N ARG C 89 23.58 7.17 25.42
CA ARG C 89 24.93 7.33 25.91
C ARG C 89 25.08 6.75 27.33
N CYS C 90 24.08 6.97 28.19
CA CYS C 90 24.06 6.22 29.45
C CYS C 90 24.07 4.71 29.19
N VAL C 91 23.25 4.24 28.26
CA VAL C 91 23.30 2.82 27.93
C VAL C 91 24.75 2.41 27.56
N ALA C 92 25.35 3.17 26.65
CA ALA C 92 26.73 2.94 26.22
C ALA C 92 27.74 2.80 27.39
N VAL C 93 27.59 3.66 28.40
CA VAL C 93 28.50 3.67 29.56
C VAL C 93 28.40 2.37 30.39
N VAL C 94 27.16 1.92 30.61
CA VAL C 94 26.91 0.67 31.32
C VAL C 94 27.60 -0.48 30.58
N VAL C 95 27.50 -0.46 29.24
CA VAL C 95 28.05 -1.52 28.40
C VAL C 95 29.59 -1.56 28.48
N MET C 96 30.23 -0.39 28.39
CA MET C 96 31.66 -0.22 28.56
C MET C 96 32.13 -0.75 29.91
N VAL C 97 31.48 -0.26 30.97
CA VAL C 97 31.91 -0.58 32.32
C VAL C 97 31.84 -2.09 32.53
N ALA C 98 30.79 -2.71 31.99
CA ALA C 98 30.55 -4.13 32.11
C ALA C 98 31.52 -4.97 31.29
N GLY C 99 31.85 -4.51 30.07
CA GLY C 99 32.85 -5.23 29.27
C GLY C 99 34.26 -5.15 29.90
N ILE C 100 34.63 -3.97 30.38
CA ILE C 100 35.97 -3.76 30.95
C ILE C 100 36.13 -4.56 32.27
N THR C 101 35.15 -4.41 33.13
CA THR C 101 34.99 -5.09 34.40
C THR C 101 35.06 -6.62 34.29
N SER C 102 34.26 -7.18 33.40
CA SER C 102 34.21 -8.59 33.15
C SER C 102 35.50 -9.15 32.60
N PHE C 103 36.07 -8.48 31.61
CA PHE C 103 37.36 -8.94 31.08
C PHE C 103 38.46 -8.79 32.14
N GLY C 104 38.36 -7.74 32.95
CA GLY C 104 39.26 -7.56 34.09
C GLY C 104 39.14 -8.71 35.07
N LEU C 105 37.90 -9.17 35.26
CA LEU C 105 37.67 -10.24 36.19
C LEU C 105 38.30 -11.55 35.70
N VAL C 106 38.28 -11.78 34.38
CA VAL C 106 38.96 -12.93 33.81
C VAL C 106 40.47 -12.89 34.10
N THR C 107 41.09 -11.74 33.89
CA THR C 107 42.51 -11.55 34.18
C THR C 107 42.84 -11.84 35.64
N ALA C 108 41.99 -11.35 36.55
CA ALA C 108 42.11 -11.56 37.98
C ALA C 108 42.10 -13.03 38.31
N ALA C 109 41.12 -13.75 37.74
CA ALA C 109 40.94 -15.19 37.94
C ALA C 109 42.11 -15.99 37.39
N LEU C 110 42.74 -15.49 36.32
CA LEU C 110 43.90 -16.17 35.76
C LEU C 110 45.09 -15.96 36.68
N ALA C 111 45.17 -14.79 37.29
CA ALA C 111 46.29 -14.49 38.16
C ALA C 111 46.18 -15.35 39.44
N THR C 112 44.97 -15.53 39.96
CA THR C 112 44.73 -16.42 41.08
C THR C 112 45.15 -17.88 40.78
N TRP C 113 44.71 -18.38 39.64
CA TRP C 113 45.13 -19.66 39.13
C TRP C 113 46.67 -19.81 39.06
N PHE C 114 47.35 -18.84 38.43
CA PHE C 114 48.79 -18.94 38.27
C PHE C 114 49.52 -18.86 39.61
N VAL C 115 49.04 -18.00 40.51
CA VAL C 115 49.66 -17.80 41.81
C VAL C 115 49.58 -19.08 42.67
N GLY C 116 48.42 -19.74 42.64
CA GLY C 116 48.18 -20.97 43.37
C GLY C 116 49.04 -22.11 42.85
N ARG C 117 49.16 -22.21 41.53
CA ARG C 117 50.01 -23.23 40.93
C ARG C 117 51.50 -22.95 41.21
N GLU C 118 51.90 -21.68 41.28
CA GLU C 118 53.29 -21.38 41.61
C GLU C 118 53.62 -21.66 43.09
N GLN C 119 52.67 -21.42 43.98
CA GLN C 119 52.86 -21.78 45.37
C GLN C 119 53.15 -23.28 45.49
N GLU C 120 52.40 -24.09 44.74
CA GLU C 120 52.55 -25.54 44.70
C GLU C 120 53.93 -25.95 44.19
N ARG C 121 54.23 -25.60 42.95
CA ARG C 121 55.53 -25.85 42.32
C ARG C 121 56.71 -25.46 43.23
N ARG C 122 56.47 -24.59 44.20
CA ARG C 122 57.51 -24.19 45.15
C ARG C 122 57.53 -25.09 46.40
N GLY C 123 56.40 -25.75 46.67
CA GLY C 123 56.22 -26.49 47.90
C GLY C 123 55.82 -25.57 49.05
N HIS C 124 54.80 -24.75 48.82
CA HIS C 124 54.31 -23.79 49.81
C HIS C 124 52.80 -23.86 49.91
#